data_8UAP
#
_entry.id   8UAP
#
_cell.length_a   137.855
_cell.length_b   137.855
_cell.length_c   71.089
_cell.angle_alpha   90.000
_cell.angle_beta   90.000
_cell.angle_gamma   90.000
#
_symmetry.space_group_name_H-M   'P 41 21 2'
#
loop_
_entity.id
_entity.type
_entity.pdbx_description
1 polymer 'G protein-coupled receptor kinase 5'
2 non-polymer (3Z)-3-{[4-(2-chloroacetamido)-3,5-dimethyl-1H-pyrrol-2-yl]methylidene}-N-[(1R)-1-(4-fluorophenyl)ethyl]-2-oxo-2,3-dihydro-1H-indole-5-carboxamide
3 water water
#
_entity_poly.entity_id   1
_entity_poly.type   'polypeptide(L)'
_entity_poly.pdbx_seq_one_letter_code
;MELENIVANTVLLKAREGGGGKRKGKSKKWKEILKFPHISQCEDLRRTIDRDYCSLCDKQPIGRLLFRQFCETRPGLECY
IQFLDSVAEYEVTPDEKLGEKGKEIMTKYLTPKSPVFIAQVGQDLVSQTEEKLLQKPCKELFSACAQSVHEYLRGEPFHE
YLDSMFFDRFLQWKWLERQPVTKNTFRQYRVLGKGGFGEVCACQVRATGKMYACKRLEKKRIKKRKGESMALNEKQILEK
VNSQFVVNLAYAYETKDALCLVLTIMNGGDLKFHIYNMGNPGFEEERALFYAAEILCGLEDLHRENTVYRNLKPENILLD
DYGHIRISDLGLAVKIPEGDLIRGRVGTVGYMAPEVLNNQRYGLSPDYWGLGCLIYEMIEGQSPFRGRKEKVKREEVDRR
VLETEEVYSHKFSEEAKSICKMLLTKDAKQRLGCQEEGAAEVKRHPFFRNMNFKRLEAGMLDPPFVPDPRAVYCKDVLDI
EQFSTVKGVNLDHTDDDFYSKFSTGSVSIPWQNEMIETECFKELNVFGPNGTLPPDLNRNHPPEPPKKGLLQRLFKRQHQ
NNSKSSPSSKTSFNHHINSNHVSSNSTGSSVDHHHHHH
;
_entity_poly.pdbx_strand_id   A
#
# COMPACT_ATOMS: atom_id res chain seq x y z
N GLY A 25 -11.48 22.22 -0.93
CA GLY A 25 -11.34 23.03 0.27
C GLY A 25 -9.88 23.41 0.53
N LYS A 26 -9.23 23.95 -0.50
CA LYS A 26 -7.85 24.38 -0.39
C LYS A 26 -7.76 25.80 0.13
N SER A 27 -6.67 26.09 0.85
CA SER A 27 -6.44 27.41 1.42
C SER A 27 -6.59 28.50 0.37
N LYS A 28 -6.90 29.72 0.81
CA LYS A 28 -7.05 30.82 -0.13
C LYS A 28 -5.86 30.96 -1.05
N LYS A 29 -4.66 31.04 -0.49
CA LYS A 29 -3.46 31.31 -1.25
C LYS A 29 -2.61 30.06 -1.40
N TRP A 30 -3.23 28.91 -1.65
CA TRP A 30 -2.46 27.65 -1.71
C TRP A 30 -1.42 27.68 -2.82
N LYS A 31 -1.67 28.44 -3.89
CA LYS A 31 -0.70 28.52 -4.98
C LYS A 31 0.58 29.20 -4.54
N GLU A 32 0.50 30.09 -3.55
CA GLU A 32 1.70 30.73 -3.01
C GLU A 32 2.43 29.81 -2.03
N ILE A 33 1.71 28.92 -1.34
CA ILE A 33 2.35 28.00 -0.43
C ILE A 33 3.15 26.94 -1.19
N LEU A 34 2.56 26.39 -2.26
CA LEU A 34 3.21 25.41 -3.11
C LEU A 34 3.89 26.04 -4.31
N LYS A 35 4.17 27.34 -4.25
CA LYS A 35 4.88 28.02 -5.33
C LYS A 35 6.23 27.34 -5.56
N PHE A 36 6.50 26.98 -6.80
CA PHE A 36 7.78 26.37 -7.12
C PHE A 36 8.90 27.33 -6.70
N PRO A 37 10.00 26.80 -6.14
CA PRO A 37 11.20 27.63 -5.99
C PRO A 37 11.95 27.73 -7.31
N HIS A 38 12.70 28.82 -7.47
CA HIS A 38 13.49 28.95 -8.68
C HIS A 38 14.48 27.78 -8.77
N ILE A 39 14.65 27.25 -9.99
CA ILE A 39 15.51 26.08 -10.18
C ILE A 39 16.85 26.26 -9.49
N SER A 40 17.34 27.50 -9.39
CA SER A 40 18.64 27.75 -8.78
C SER A 40 18.68 27.36 -7.30
N GLN A 41 17.53 27.19 -6.66
CA GLN A 41 17.51 26.78 -5.25
C GLN A 41 17.67 25.28 -5.07
N CYS A 42 17.62 24.50 -6.15
CA CYS A 42 17.62 23.04 -6.04
C CYS A 42 18.97 22.42 -6.38
N GLU A 43 20.02 23.23 -6.53
CA GLU A 43 21.32 22.69 -6.90
C GLU A 43 21.76 21.60 -5.91
N ASP A 44 21.60 21.87 -4.61
CA ASP A 44 21.99 20.89 -3.60
C ASP A 44 21.19 19.59 -3.75
N LEU A 45 19.92 19.71 -4.16
CA LEU A 45 19.16 18.50 -4.46
C LEU A 45 19.70 17.80 -5.69
N ARG A 46 20.04 18.56 -6.73
CA ARG A 46 20.50 17.95 -7.98
C ARG A 46 21.65 16.99 -7.76
N ARG A 47 22.62 17.38 -6.93
CA ARG A 47 23.82 16.59 -6.72
C ARG A 47 23.70 15.61 -5.58
N THR A 48 22.52 15.46 -4.98
CA THR A 48 22.29 14.53 -3.88
C THR A 48 21.36 13.39 -4.25
N ILE A 49 20.32 13.66 -5.03
CA ILE A 49 19.35 12.63 -5.40
C ILE A 49 20.04 11.54 -6.20
N ASP A 50 19.83 10.29 -5.79
CA ASP A 50 20.37 9.15 -6.52
C ASP A 50 19.63 9.01 -7.85
N ARG A 51 20.38 9.07 -8.96
CA ARG A 51 19.80 9.04 -10.30
C ARG A 51 19.44 7.61 -10.72
N ASP A 52 18.55 7.00 -9.93
CA ASP A 52 18.06 5.66 -10.20
C ASP A 52 16.83 5.73 -11.10
N TYR A 53 16.85 4.95 -12.18
CA TYR A 53 15.75 5.01 -13.14
C TYR A 53 14.44 4.55 -12.51
N CYS A 54 14.45 3.39 -11.86
CA CYS A 54 13.20 2.86 -11.31
C CYS A 54 12.62 3.78 -10.25
N SER A 55 13.47 4.45 -9.48
CA SER A 55 12.98 5.38 -8.45
C SER A 55 12.43 6.65 -9.09
N LEU A 56 13.20 7.27 -9.98
CA LEU A 56 12.83 8.58 -10.49
C LEU A 56 11.76 8.54 -11.57
N CYS A 57 11.55 7.39 -12.22
CA CYS A 57 10.63 7.32 -13.35
C CYS A 57 9.53 6.28 -13.16
N ASP A 58 9.48 5.59 -12.02
CA ASP A 58 8.41 4.64 -11.78
C ASP A 58 7.85 4.74 -10.37
N LYS A 59 8.70 4.47 -9.35
CA LYS A 59 8.21 4.44 -7.98
C LYS A 59 7.63 5.78 -7.58
N GLN A 60 8.40 6.84 -7.69
CA GLN A 60 7.95 8.17 -7.32
C GLN A 60 6.86 8.65 -8.27
N PRO A 61 5.62 8.78 -7.81
CA PRO A 61 4.54 9.14 -8.74
C PRO A 61 4.82 10.36 -9.60
N ILE A 62 5.28 11.47 -8.99
CA ILE A 62 5.47 12.70 -9.74
C ILE A 62 6.64 12.56 -10.70
N GLY A 63 7.67 11.82 -10.32
CA GLY A 63 8.76 11.57 -11.25
C GLY A 63 8.32 10.71 -12.42
N ARG A 64 7.49 9.70 -12.16
CA ARG A 64 6.95 8.89 -13.23
C ARG A 64 6.13 9.73 -14.21
N LEU A 65 5.27 10.59 -13.68
CA LEU A 65 4.46 11.44 -14.56
C LEU A 65 5.34 12.39 -15.37
N LEU A 66 6.39 12.95 -14.75
CA LEU A 66 7.23 13.91 -15.48
C LEU A 66 8.07 13.21 -16.53
N PHE A 67 8.55 12.01 -16.24
CA PHE A 67 9.30 11.28 -17.27
C PHE A 67 8.39 10.91 -18.44
N ARG A 68 7.16 10.50 -18.15
CA ARG A 68 6.21 10.23 -19.24
C ARG A 68 5.93 11.49 -20.04
N GLN A 69 5.85 12.64 -19.37
CA GLN A 69 5.64 13.89 -20.09
C GLN A 69 6.83 14.23 -20.97
N PHE A 70 8.04 13.96 -20.49
CA PHE A 70 9.21 14.15 -21.34
C PHE A 70 9.12 13.28 -22.58
N CYS A 71 8.84 11.99 -22.41
CA CYS A 71 8.69 11.10 -23.56
C CYS A 71 7.56 11.55 -24.48
N GLU A 72 6.59 12.32 -23.97
CA GLU A 72 5.50 12.82 -24.81
C GLU A 72 5.89 14.00 -25.69
N THR A 73 7.14 14.45 -25.64
CA THR A 73 7.63 15.50 -26.51
C THR A 73 8.46 14.96 -27.66
N ARG A 74 8.73 13.66 -27.69
CA ARG A 74 9.57 13.04 -28.70
C ARG A 74 8.75 12.01 -29.47
N PRO A 75 8.45 12.24 -30.75
CA PRO A 75 7.77 11.21 -31.55
C PRO A 75 8.36 9.82 -31.35
N GLY A 76 9.67 9.75 -31.13
CA GLY A 76 10.32 8.45 -31.02
C GLY A 76 9.98 7.70 -29.74
N LEU A 77 9.87 8.41 -28.63
CA LEU A 77 9.65 7.77 -27.34
C LEU A 77 8.18 7.57 -27.01
N GLU A 78 7.28 8.37 -27.59
CA GLU A 78 5.86 8.30 -27.26
C GLU A 78 5.31 6.89 -27.35
N CYS A 79 5.67 6.18 -28.43
CA CYS A 79 5.08 4.86 -28.68
C CYS A 79 5.41 3.88 -27.58
N TYR A 80 6.58 4.01 -26.94
CA TYR A 80 6.95 3.07 -25.90
C TYR A 80 6.07 3.24 -24.66
N ILE A 81 5.78 4.49 -24.28
CA ILE A 81 4.87 4.74 -23.16
C ILE A 81 3.48 4.19 -23.49
N GLN A 82 3.00 4.46 -24.71
CA GLN A 82 1.68 3.95 -25.08
C GLN A 82 1.65 2.42 -24.99
N PHE A 83 2.70 1.77 -25.49
CA PHE A 83 2.79 0.32 -25.43
C PHE A 83 2.68 -0.17 -23.98
N LEU A 84 3.51 0.38 -23.09
CA LEU A 84 3.49 -0.08 -21.71
C LEU A 84 2.12 0.11 -21.08
N ASP A 85 1.45 1.23 -21.39
CA ASP A 85 0.08 1.41 -20.93
C ASP A 85 -0.81 0.26 -21.39
N SER A 86 -0.71 -0.10 -22.67
CA SER A 86 -1.58 -1.17 -23.18
C SER A 86 -1.24 -2.51 -22.55
N VAL A 87 0.03 -2.73 -22.20
CA VAL A 87 0.39 -3.98 -21.53
C VAL A 87 -0.21 -4.02 -20.13
N ALA A 88 -0.14 -2.90 -19.41
CA ALA A 88 -0.82 -2.79 -18.13
C ALA A 88 -2.29 -3.13 -18.26
N GLU A 89 -2.93 -2.64 -19.33
CA GLU A 89 -4.34 -2.97 -19.55
C GLU A 89 -4.52 -4.47 -19.80
N TYR A 90 -3.62 -5.07 -20.57
CA TYR A 90 -3.73 -6.49 -20.90
C TYR A 90 -3.64 -7.36 -19.64
N GLU A 91 -2.76 -7.00 -18.70
CA GLU A 91 -2.55 -7.86 -17.53
C GLU A 91 -3.84 -8.06 -16.74
N VAL A 92 -4.65 -7.00 -16.60
CA VAL A 92 -5.89 -7.09 -15.84
C VAL A 92 -7.07 -7.51 -16.69
N THR A 93 -6.89 -7.68 -17.98
CA THR A 93 -8.02 -7.99 -18.86
C THR A 93 -8.63 -9.35 -18.48
N PRO A 94 -9.95 -9.48 -18.55
CA PRO A 94 -10.56 -10.79 -18.25
C PRO A 94 -10.00 -11.89 -19.13
N ASP A 95 -10.03 -13.11 -18.62
CA ASP A 95 -9.46 -14.23 -19.35
C ASP A 95 -10.11 -14.37 -20.73
N GLU A 96 -11.43 -14.40 -20.78
CA GLU A 96 -12.12 -14.58 -22.06
C GLU A 96 -11.78 -13.50 -23.07
N LYS A 97 -11.29 -12.34 -22.61
CA LYS A 97 -10.98 -11.24 -23.50
C LYS A 97 -9.48 -11.07 -23.72
N LEU A 98 -8.66 -12.03 -23.30
CA LEU A 98 -7.21 -11.88 -23.45
C LEU A 98 -6.83 -11.97 -24.92
N GLY A 99 -7.18 -13.09 -25.58
CA GLY A 99 -6.81 -13.28 -26.97
C GLY A 99 -7.16 -12.10 -27.85
N GLU A 100 -8.29 -11.44 -27.57
CA GLU A 100 -8.64 -10.24 -28.31
C GLU A 100 -7.61 -9.13 -28.04
N LYS A 101 -7.52 -8.70 -26.77
CA LYS A 101 -6.67 -7.56 -26.45
C LYS A 101 -5.21 -7.83 -26.81
N GLY A 102 -4.80 -9.09 -26.76
CA GLY A 102 -3.48 -9.44 -27.24
C GLY A 102 -3.31 -9.05 -28.70
N LYS A 103 -4.17 -9.60 -29.56
CA LYS A 103 -4.02 -9.35 -30.99
C LYS A 103 -3.95 -7.85 -31.26
N GLU A 104 -4.91 -7.09 -30.73
CA GLU A 104 -4.89 -5.64 -30.85
C GLU A 104 -3.46 -5.13 -30.64
N ILE A 105 -2.94 -5.32 -29.43
CA ILE A 105 -1.60 -4.82 -29.11
C ILE A 105 -0.62 -5.22 -30.21
N MET A 106 -0.57 -6.51 -30.50
CA MET A 106 0.29 -7.00 -31.57
C MET A 106 0.09 -6.09 -32.79
N THR A 107 -1.07 -6.21 -33.43
CA THR A 107 -1.22 -5.62 -34.75
C THR A 107 -1.12 -4.09 -34.71
N LYS A 108 -0.85 -3.53 -33.54
CA LYS A 108 -0.72 -2.08 -33.42
C LYS A 108 0.69 -1.63 -33.08
N TYR A 109 1.40 -2.33 -32.20
CA TYR A 109 2.71 -1.84 -31.76
C TYR A 109 3.87 -2.63 -32.33
N LEU A 110 3.62 -3.86 -32.79
CA LEU A 110 4.67 -4.81 -33.08
C LEU A 110 4.68 -5.24 -34.54
N THR A 111 3.77 -4.74 -35.38
CA THR A 111 3.92 -4.93 -36.81
C THR A 111 4.96 -3.93 -37.34
N PRO A 112 5.76 -4.33 -38.33
CA PRO A 112 6.83 -3.43 -38.80
C PRO A 112 6.31 -2.12 -39.35
N LYS A 113 5.16 -2.14 -40.04
CA LYS A 113 4.54 -0.94 -40.58
C LYS A 113 3.42 -0.54 -39.63
N SER A 114 3.75 0.33 -38.68
CA SER A 114 2.80 0.92 -37.76
C SER A 114 3.26 2.35 -37.50
N PRO A 115 2.34 3.32 -37.43
CA PRO A 115 2.76 4.66 -36.97
C PRO A 115 3.26 4.65 -35.54
N VAL A 116 2.99 3.58 -34.79
CA VAL A 116 3.39 3.44 -33.39
C VAL A 116 4.25 2.19 -33.27
N PHE A 117 4.98 1.86 -34.32
CA PHE A 117 5.87 0.71 -34.27
C PHE A 117 7.05 1.00 -33.34
N ILE A 118 7.37 0.03 -32.49
CA ILE A 118 8.51 0.13 -31.57
C ILE A 118 9.60 -0.80 -32.08
N ALA A 119 10.78 -0.24 -32.32
CA ALA A 119 11.86 -0.98 -32.95
C ALA A 119 12.86 -1.57 -31.96
N GLN A 120 13.08 -0.92 -30.82
CA GLN A 120 14.12 -1.38 -29.90
C GLN A 120 13.81 -2.74 -29.30
N VAL A 121 12.59 -3.25 -29.44
CA VAL A 121 12.31 -4.65 -29.15
C VAL A 121 12.80 -5.47 -30.34
N GLY A 122 13.68 -6.42 -30.07
CA GLY A 122 14.24 -7.21 -31.15
C GLY A 122 13.18 -7.83 -32.04
N GLN A 123 13.34 -7.72 -33.36
CA GLN A 123 12.42 -8.41 -34.27
C GLN A 123 12.32 -9.88 -33.88
N ASP A 124 13.45 -10.47 -33.48
CA ASP A 124 13.45 -11.78 -32.84
C ASP A 124 12.27 -11.89 -31.88
N LEU A 125 12.26 -11.05 -30.85
CA LEU A 125 11.25 -11.15 -29.79
C LEU A 125 9.84 -10.91 -30.32
N VAL A 126 9.67 -10.09 -31.36
CA VAL A 126 8.36 -9.95 -31.97
C VAL A 126 7.87 -11.29 -32.50
N SER A 127 8.74 -11.98 -33.26
CA SER A 127 8.40 -13.30 -33.79
C SER A 127 8.31 -14.36 -32.70
N GLN A 128 8.81 -14.10 -31.50
CA GLN A 128 8.59 -15.02 -30.39
C GLN A 128 7.28 -14.75 -29.65
N THR A 129 6.81 -13.49 -29.65
CA THR A 129 5.56 -13.16 -29.00
C THR A 129 4.36 -13.62 -29.83
N GLU A 130 4.46 -13.48 -31.15
CA GLU A 130 3.41 -14.05 -32.00
C GLU A 130 3.12 -15.48 -31.59
N GLU A 131 4.16 -16.28 -31.33
CA GLU A 131 3.99 -17.68 -30.96
C GLU A 131 3.05 -17.82 -29.77
N LYS A 132 3.43 -17.24 -28.63
CA LYS A 132 2.60 -17.36 -27.44
C LYS A 132 1.17 -16.92 -27.70
N LEU A 133 0.96 -16.02 -28.65
CA LEU A 133 -0.42 -15.73 -29.02
C LEU A 133 -1.05 -16.89 -29.81
N LEU A 134 -0.27 -17.53 -30.69
CA LEU A 134 -0.77 -18.67 -31.45
C LEU A 134 -1.19 -19.81 -30.54
N GLN A 135 -0.76 -19.80 -29.27
CA GLN A 135 -1.14 -20.78 -28.26
C GLN A 135 -2.00 -20.09 -27.20
N LYS A 136 -2.34 -20.82 -26.14
CA LYS A 136 -3.16 -20.24 -25.09
C LYS A 136 -2.55 -18.91 -24.64
N PRO A 137 -3.36 -17.88 -24.43
CA PRO A 137 -2.80 -16.62 -23.92
C PRO A 137 -2.74 -16.61 -22.39
N CYS A 138 -1.66 -16.04 -21.88
CA CYS A 138 -1.44 -15.85 -20.46
C CYS A 138 -1.43 -14.35 -20.15
N LYS A 139 -1.56 -14.02 -18.87
CA LYS A 139 -1.53 -12.61 -18.48
C LYS A 139 -0.12 -12.02 -18.53
N GLU A 140 0.88 -12.80 -18.93
CA GLU A 140 2.27 -12.35 -18.96
C GLU A 140 2.88 -12.51 -20.34
N LEU A 141 2.06 -12.37 -21.38
CA LEU A 141 2.54 -12.58 -22.74
C LEU A 141 3.56 -11.51 -23.15
N PHE A 142 3.32 -10.26 -22.76
CA PHE A 142 4.16 -9.16 -23.18
C PHE A 142 5.20 -8.77 -22.13
N SER A 143 5.37 -9.58 -21.08
CA SER A 143 6.36 -9.26 -20.07
C SER A 143 7.77 -9.13 -20.67
N ALA A 144 8.10 -10.04 -21.59
CA ALA A 144 9.41 -9.98 -22.25
C ALA A 144 9.58 -8.65 -22.98
N CYS A 145 8.60 -8.30 -23.82
CA CYS A 145 8.70 -7.05 -24.58
C CYS A 145 8.73 -5.84 -23.68
N ALA A 146 7.90 -5.84 -22.63
CA ALA A 146 7.88 -4.69 -21.72
C ALA A 146 9.23 -4.52 -21.01
N GLN A 147 9.87 -5.62 -20.63
CA GLN A 147 11.20 -5.53 -20.03
C GLN A 147 12.21 -4.97 -21.03
N SER A 148 12.18 -5.49 -22.26
CA SER A 148 13.01 -4.93 -23.33
C SER A 148 12.82 -3.41 -23.42
N VAL A 149 11.57 -2.96 -23.42
CA VAL A 149 11.29 -1.53 -23.55
C VAL A 149 11.89 -0.76 -22.40
N HIS A 150 11.70 -1.26 -21.17
CA HIS A 150 12.25 -0.58 -20.01
C HIS A 150 13.76 -0.49 -20.10
N GLU A 151 14.41 -1.56 -20.57
CA GLU A 151 15.84 -1.53 -20.76
C GLU A 151 16.24 -0.42 -21.72
N TYR A 152 15.50 -0.28 -22.83
CA TYR A 152 15.78 0.82 -23.75
C TYR A 152 15.67 2.16 -23.04
N LEU A 153 14.58 2.37 -22.29
CA LEU A 153 14.34 3.69 -21.71
C LEU A 153 15.28 3.97 -20.56
N ARG A 154 15.70 2.94 -19.83
CA ARG A 154 16.68 3.11 -18.76
C ARG A 154 18.00 3.68 -19.26
N GLY A 155 18.25 3.60 -20.56
CA GLY A 155 19.50 4.08 -21.11
C GLY A 155 19.45 5.52 -21.59
N GLU A 156 19.55 5.72 -22.90
CA GLU A 156 19.67 7.07 -23.43
C GLU A 156 18.47 7.94 -23.09
N PRO A 157 17.23 7.48 -23.24
CA PRO A 157 16.09 8.39 -22.96
C PRO A 157 16.07 8.91 -21.53
N PHE A 158 16.42 8.05 -20.55
CA PHE A 158 16.49 8.48 -19.16
C PHE A 158 17.53 9.57 -18.98
N HIS A 159 18.72 9.38 -19.55
CA HIS A 159 19.79 10.35 -19.37
C HIS A 159 19.47 11.67 -20.08
N GLU A 160 18.75 11.62 -21.20
CA GLU A 160 18.26 12.86 -21.79
C GLU A 160 17.27 13.54 -20.85
N TYR A 161 16.33 12.76 -20.31
CA TYR A 161 15.35 13.32 -19.37
C TYR A 161 16.06 14.02 -18.21
N LEU A 162 17.19 13.47 -17.76
CA LEU A 162 17.93 14.08 -16.66
C LEU A 162 18.42 15.48 -17.02
N ASP A 163 18.88 15.68 -18.25
CA ASP A 163 19.24 17.02 -18.72
C ASP A 163 18.08 17.70 -19.43
N SER A 164 16.89 17.62 -18.84
CA SER A 164 15.69 18.20 -19.43
C SER A 164 14.94 19.02 -18.39
N MET A 165 14.09 19.91 -18.88
CA MET A 165 13.34 20.79 -17.99
C MET A 165 12.37 20.03 -17.11
N PHE A 166 11.96 18.82 -17.52
CA PHE A 166 11.07 18.03 -16.69
C PHE A 166 11.77 17.52 -15.45
N PHE A 167 13.06 17.21 -15.54
CA PHE A 167 13.77 16.80 -14.34
C PHE A 167 14.05 17.99 -13.43
N ASP A 168 14.33 19.16 -14.01
CA ASP A 168 14.40 20.37 -13.19
C ASP A 168 13.09 20.58 -12.42
N ARG A 169 11.96 20.40 -13.11
CA ARG A 169 10.65 20.55 -12.48
C ARG A 169 10.45 19.50 -11.40
N PHE A 170 10.97 18.30 -11.63
CA PHE A 170 10.94 17.27 -10.59
C PHE A 170 11.74 17.71 -9.37
N LEU A 171 12.90 18.32 -9.58
CA LEU A 171 13.68 18.82 -8.46
C LEU A 171 12.89 19.89 -7.69
N GLN A 172 12.14 20.72 -8.40
CA GLN A 172 11.30 21.71 -7.70
C GLN A 172 10.24 21.01 -6.84
N TRP A 173 9.60 19.97 -7.40
CA TRP A 173 8.63 19.22 -6.60
C TRP A 173 9.29 18.56 -5.39
N LYS A 174 10.53 18.06 -5.56
CA LYS A 174 11.24 17.49 -4.41
C LYS A 174 11.50 18.55 -3.34
N TRP A 175 11.91 19.74 -3.79
CA TRP A 175 12.16 20.83 -2.86
C TRP A 175 10.92 21.11 -2.02
N LEU A 176 9.76 21.24 -2.69
CA LEU A 176 8.52 21.39 -1.92
C LEU A 176 8.33 20.21 -0.98
N GLU A 177 8.58 19.00 -1.48
CA GLU A 177 8.34 17.79 -0.70
C GLU A 177 9.11 17.82 0.62
N ARG A 178 10.32 18.37 0.62
CA ARG A 178 11.16 18.33 1.80
C ARG A 178 10.90 19.46 2.79
N GLN A 179 10.05 20.42 2.44
CA GLN A 179 9.82 21.56 3.30
C GLN A 179 9.41 21.12 4.70
N PRO A 180 9.70 21.92 5.71
CA PRO A 180 9.26 21.57 7.08
C PRO A 180 7.74 21.53 7.17
N VAL A 181 7.23 20.51 7.85
CA VAL A 181 5.82 20.41 8.16
C VAL A 181 5.63 20.75 9.63
N THR A 182 4.54 21.45 9.94
CA THR A 182 4.30 21.94 11.28
C THR A 182 2.85 21.67 11.69
N LYS A 183 2.43 22.21 12.84
CA LYS A 183 1.01 22.17 13.18
C LYS A 183 0.20 23.02 12.21
N ASN A 184 0.76 24.17 11.79
CA ASN A 184 0.09 25.03 10.83
C ASN A 184 -0.06 24.39 9.46
N THR A 185 0.74 23.36 9.15
CA THR A 185 0.54 22.65 7.90
C THR A 185 -0.82 22.01 7.83
N PHE A 186 -1.44 21.75 8.99
CA PHE A 186 -2.69 21.00 9.06
C PHE A 186 -3.79 21.81 9.74
N ARG A 187 -4.98 21.22 9.72
CA ARG A 187 -6.23 21.82 10.19
C ARG A 187 -6.96 20.64 10.82
N GLN A 188 -6.75 20.44 12.12
CA GLN A 188 -7.37 19.35 12.86
C GLN A 188 -8.86 19.63 13.05
N TYR A 189 -9.65 18.56 13.04
CA TYR A 189 -11.10 18.69 13.04
C TYR A 189 -11.77 18.08 14.28
N ARG A 190 -12.05 16.77 14.23
CA ARG A 190 -12.81 16.10 15.27
C ARG A 190 -12.08 14.84 15.72
N VAL A 191 -12.24 14.51 17.00
CA VAL A 191 -11.62 13.33 17.61
C VAL A 191 -12.47 12.13 17.22
N LEU A 192 -12.04 11.36 16.21
CA LEU A 192 -12.83 10.25 15.71
C LEU A 192 -12.28 8.89 16.15
N GLY A 193 -11.32 8.89 17.08
CA GLY A 193 -10.84 7.66 17.66
C GLY A 193 -10.04 7.93 18.92
N LYS A 194 -9.92 6.91 19.76
CA LYS A 194 -9.14 7.00 20.98
C LYS A 194 -8.38 5.69 21.19
N GLY A 195 -7.48 5.71 22.16
CA GLY A 195 -6.70 4.53 22.47
C GLY A 195 -5.89 4.64 23.75
N GLY A 196 -4.67 4.09 23.73
CA GLY A 196 -3.85 4.06 24.92
C GLY A 196 -3.00 5.29 25.12
N PHE A 197 -1.99 5.48 24.29
CA PHE A 197 -1.02 6.56 24.46
C PHE A 197 -1.54 7.91 23.96
N GLY A 198 -2.76 7.98 23.44
CA GLY A 198 -3.28 9.24 22.95
C GLY A 198 -4.63 9.13 22.28
N GLU A 199 -4.80 9.79 21.14
CA GLU A 199 -6.09 9.71 20.46
C GLU A 199 -5.89 9.80 18.95
N VAL A 200 -6.99 9.64 18.21
CA VAL A 200 -6.99 9.69 16.76
C VAL A 200 -7.99 10.74 16.31
N CYS A 201 -7.49 11.77 15.66
CA CYS A 201 -8.27 12.88 15.15
C CYS A 201 -8.32 12.82 13.63
N ALA A 202 -9.08 13.73 13.04
CA ALA A 202 -9.17 13.88 11.60
C ALA A 202 -8.59 15.24 11.22
N CYS A 203 -7.57 15.24 10.35
CA CYS A 203 -6.88 16.47 10.01
C CYS A 203 -6.80 16.65 8.51
N GLN A 204 -6.92 17.90 8.05
CA GLN A 204 -6.84 18.25 6.64
C GLN A 204 -5.57 19.04 6.39
N VAL A 205 -5.00 18.91 5.20
CA VAL A 205 -3.88 19.75 4.79
C VAL A 205 -4.47 21.02 4.21
N ARG A 206 -4.14 22.17 4.81
CA ARG A 206 -4.74 23.43 4.38
C ARG A 206 -4.45 23.70 2.90
N ALA A 207 -3.24 23.40 2.45
CA ALA A 207 -2.83 23.78 1.10
C ALA A 207 -3.51 22.91 0.05
N THR A 208 -3.68 21.62 0.33
CA THR A 208 -4.25 20.68 -0.63
C THR A 208 -5.67 20.28 -0.32
N GLY A 209 -6.08 20.34 0.94
CA GLY A 209 -7.42 19.94 1.33
C GLY A 209 -7.62 18.46 1.50
N LYS A 210 -6.57 17.67 1.45
CA LYS A 210 -6.71 16.23 1.57
C LYS A 210 -6.90 15.84 3.04
N MET A 211 -7.89 14.99 3.28
CA MET A 211 -8.18 14.53 4.64
C MET A 211 -7.29 13.35 5.01
N TYR A 212 -6.95 13.27 6.29
CA TYR A 212 -6.10 12.25 6.85
C TYR A 212 -6.58 12.00 8.29
N ALA A 213 -5.96 11.03 8.95
CA ALA A 213 -6.22 10.74 10.35
C ALA A 213 -4.94 10.98 11.14
N CYS A 214 -4.99 11.97 12.03
CA CYS A 214 -3.89 12.22 12.96
C CYS A 214 -3.91 11.18 14.08
N LYS A 215 -2.77 10.59 14.38
CA LYS A 215 -2.57 9.72 15.54
C LYS A 215 -1.70 10.55 16.49
N ARG A 216 -2.34 11.15 17.49
CA ARG A 216 -1.66 12.03 18.44
C ARG A 216 -1.17 11.21 19.62
N LEU A 217 0.16 11.21 19.80
CA LEU A 217 0.87 10.49 20.84
C LEU A 217 1.35 11.49 21.89
N GLU A 218 0.82 11.37 23.10
CA GLU A 218 1.07 12.35 24.16
C GLU A 218 2.50 12.20 24.69
N LYS A 219 3.37 13.19 24.40
CA LYS A 219 4.78 13.08 24.77
C LYS A 219 4.96 12.64 26.23
N LYS A 220 4.04 13.08 27.11
CA LYS A 220 4.19 12.79 28.54
C LYS A 220 4.13 11.29 28.80
N ARG A 221 3.08 10.63 28.33
CA ARG A 221 2.91 9.20 28.58
C ARG A 221 4.03 8.40 27.91
N ILE A 222 4.58 8.93 26.81
CA ILE A 222 5.64 8.21 26.11
C ILE A 222 6.94 8.29 26.92
N LYS A 223 7.27 9.46 27.44
CA LYS A 223 8.41 9.56 28.35
C LYS A 223 8.23 8.65 29.56
N LYS A 224 7.05 8.71 30.19
CA LYS A 224 6.77 7.89 31.37
C LYS A 224 6.95 6.41 31.07
N ARG A 225 6.04 5.83 30.28
CA ARG A 225 6.14 4.43 29.93
C ARG A 225 7.49 4.08 29.29
N LYS A 226 8.27 5.09 28.88
CA LYS A 226 9.55 4.86 28.20
C LYS A 226 9.35 4.09 26.90
N GLY A 227 8.27 4.43 26.19
CA GLY A 227 7.92 3.76 24.97
C GLY A 227 8.53 4.39 23.73
N GLU A 228 9.69 5.03 23.89
CA GLU A 228 10.33 5.71 22.77
C GLU A 228 10.52 4.77 21.58
N SER A 229 11.16 3.63 21.82
CA SER A 229 11.49 2.72 20.74
C SER A 229 10.23 2.14 20.09
N MET A 230 9.15 1.94 20.86
CA MET A 230 7.95 1.35 20.29
C MET A 230 7.26 2.32 19.34
N ALA A 231 7.06 3.56 19.77
CA ALA A 231 6.48 4.57 18.88
C ALA A 231 7.36 4.77 17.65
N LEU A 232 8.68 4.85 17.85
CA LEU A 232 9.57 5.02 16.71
C LEU A 232 9.45 3.83 15.74
N ASN A 233 9.47 2.61 16.25
CA ASN A 233 9.38 1.43 15.40
C ASN A 233 8.08 1.44 14.60
N GLU A 234 6.97 1.81 15.26
CA GLU A 234 5.72 1.91 14.52
C GLU A 234 5.83 2.93 13.40
N LYS A 235 6.41 4.10 13.68
CA LYS A 235 6.56 5.11 12.65
C LYS A 235 7.40 4.61 11.48
N GLN A 236 8.49 3.90 11.78
CA GLN A 236 9.39 3.46 10.72
C GLN A 236 8.74 2.39 9.85
N ILE A 237 8.04 1.45 10.48
CA ILE A 237 7.32 0.43 9.74
C ILE A 237 6.24 1.07 8.86
N LEU A 238 5.53 2.07 9.40
CA LEU A 238 4.48 2.71 8.63
C LEU A 238 5.04 3.49 7.45
N GLU A 239 6.19 4.14 7.64
CA GLU A 239 6.76 4.93 6.55
C GLU A 239 7.40 4.06 5.49
N LYS A 240 7.87 2.86 5.86
CA LYS A 240 8.52 1.99 4.90
C LYS A 240 7.57 1.01 4.23
N VAL A 241 6.31 0.94 4.65
CA VAL A 241 5.31 0.17 3.94
C VAL A 241 4.64 1.08 2.93
N ASN A 242 4.44 0.55 1.72
CA ASN A 242 3.80 1.28 0.62
C ASN A 242 2.80 0.31 -0.01
N SER A 243 1.64 0.18 0.63
CA SER A 243 0.65 -0.81 0.23
C SER A 243 -0.73 -0.18 0.19
N GLN A 244 -1.56 -0.68 -0.72
CA GLN A 244 -2.95 -0.27 -0.84
C GLN A 244 -3.82 -0.90 0.24
N PHE A 245 -3.32 -1.92 0.95
CA PHE A 245 -4.11 -2.66 1.92
C PHE A 245 -3.55 -2.57 3.32
N VAL A 246 -2.73 -1.56 3.59
CA VAL A 246 -2.27 -1.22 4.94
C VAL A 246 -2.31 0.31 5.04
N VAL A 247 -2.51 0.81 6.26
CA VAL A 247 -2.50 2.25 6.48
C VAL A 247 -1.11 2.78 6.18
N ASN A 248 -1.05 3.85 5.38
CA ASN A 248 0.22 4.47 4.99
C ASN A 248 0.49 5.71 5.84
N LEU A 249 1.75 5.91 6.20
CA LEU A 249 2.15 7.14 6.85
C LEU A 249 2.46 8.19 5.79
N ALA A 250 1.82 9.36 5.92
CA ALA A 250 2.09 10.49 5.03
C ALA A 250 3.01 11.52 5.66
N TYR A 251 2.78 11.88 6.92
CA TYR A 251 3.63 12.83 7.62
C TYR A 251 3.88 12.33 9.04
N ALA A 252 5.05 12.68 9.56
CA ALA A 252 5.39 12.47 10.98
C ALA A 252 6.00 13.78 11.47
N TYR A 253 5.29 14.49 12.34
CA TYR A 253 5.73 15.78 12.84
C TYR A 253 5.58 15.83 14.36
N GLU A 254 6.16 16.86 14.95
CA GLU A 254 6.12 17.08 16.39
C GLU A 254 5.43 18.40 16.70
N THR A 255 4.90 18.49 17.91
CA THR A 255 4.34 19.74 18.40
C THR A 255 4.75 19.93 19.86
N LYS A 256 3.99 20.77 20.56
CA LYS A 256 4.09 20.92 22.00
C LYS A 256 3.00 20.07 22.64
N ASP A 257 3.41 19.22 23.58
CA ASP A 257 2.55 18.30 24.31
C ASP A 257 2.07 17.12 23.46
N ALA A 258 2.64 16.92 22.27
CA ALA A 258 2.35 15.69 21.54
C ALA A 258 3.25 15.56 20.32
N LEU A 259 3.36 14.31 19.84
CA LEU A 259 3.86 13.96 18.52
C LEU A 259 2.69 13.48 17.66
N CYS A 260 2.85 13.51 16.35
CA CYS A 260 1.76 13.13 15.48
C CYS A 260 2.21 12.15 14.40
N LEU A 261 1.24 11.33 13.97
CA LEU A 261 1.40 10.43 12.83
C LEU A 261 0.20 10.64 11.91
N VAL A 262 0.42 11.19 10.73
CA VAL A 262 -0.66 11.44 9.79
C VAL A 262 -0.80 10.22 8.88
N LEU A 263 -1.97 9.58 8.92
CA LEU A 263 -2.18 8.32 8.23
C LEU A 263 -3.44 8.36 7.37
N THR A 264 -3.64 7.29 6.60
CA THR A 264 -4.83 7.14 5.78
C THR A 264 -6.08 7.21 6.62
N ILE A 265 -7.02 8.08 6.24
CA ILE A 265 -8.32 8.14 6.90
C ILE A 265 -9.16 6.97 6.40
N MET A 266 -9.91 6.35 7.29
CA MET A 266 -10.79 5.21 6.97
C MET A 266 -12.14 5.46 7.62
N ASN A 267 -13.14 5.80 6.81
CA ASN A 267 -14.44 6.22 7.31
C ASN A 267 -15.53 5.16 7.18
N GLY A 268 -15.21 4.00 6.62
CA GLY A 268 -16.19 2.96 6.40
C GLY A 268 -16.41 2.00 7.56
N GLY A 269 -15.85 2.29 8.73
CA GLY A 269 -15.98 1.40 9.85
C GLY A 269 -14.94 0.30 9.84
N ASP A 270 -15.10 -0.64 10.77
CA ASP A 270 -14.19 -1.76 10.92
C ASP A 270 -14.92 -3.08 10.73
N LEU A 271 -14.14 -4.14 10.55
CA LEU A 271 -14.70 -5.42 10.13
C LEU A 271 -15.47 -6.11 11.27
N LYS A 272 -15.06 -5.89 12.52
CA LYS A 272 -15.85 -6.43 13.64
C LYS A 272 -17.28 -5.93 13.57
N PHE A 273 -17.43 -4.61 13.38
CA PHE A 273 -18.76 -4.02 13.33
C PHE A 273 -19.59 -4.62 12.20
N HIS A 274 -18.99 -4.82 11.03
CA HIS A 274 -19.73 -5.33 9.89
C HIS A 274 -20.00 -6.83 10.00
N ILE A 275 -19.17 -7.57 10.75
CA ILE A 275 -19.43 -8.98 10.96
C ILE A 275 -20.58 -9.18 11.93
N TYR A 276 -20.62 -8.38 13.00
CA TYR A 276 -21.55 -8.64 14.09
C TYR A 276 -22.77 -7.75 14.08
N ASN A 277 -22.62 -6.45 13.84
CA ASN A 277 -23.78 -5.57 13.84
C ASN A 277 -24.50 -5.56 12.50
N MET A 278 -23.76 -5.64 11.39
CA MET A 278 -24.34 -5.67 10.05
C MET A 278 -24.41 -7.07 9.46
N GLY A 279 -23.83 -8.08 10.12
CA GLY A 279 -23.79 -9.43 9.62
C GLY A 279 -24.89 -10.31 10.17
N ASN A 280 -24.75 -11.59 9.91
CA ASN A 280 -25.81 -12.53 10.19
C ASN A 280 -25.93 -13.04 11.62
N PRO A 281 -24.87 -13.01 12.46
CA PRO A 281 -23.51 -12.51 12.25
C PRO A 281 -22.75 -13.33 11.22
N GLY A 282 -21.77 -12.74 10.55
CA GLY A 282 -21.02 -13.39 9.50
C GLY A 282 -21.40 -12.86 8.12
N PHE A 283 -20.63 -13.30 7.14
CA PHE A 283 -20.84 -12.92 5.75
C PHE A 283 -21.07 -14.16 4.90
N GLU A 284 -21.60 -13.93 3.70
CA GLU A 284 -21.50 -14.94 2.65
C GLU A 284 -20.03 -15.25 2.36
N GLU A 285 -19.76 -16.50 1.99
CA GLU A 285 -18.40 -16.91 1.72
C GLU A 285 -17.71 -16.00 0.70
N GLU A 286 -18.41 -15.60 -0.37
CA GLU A 286 -17.78 -14.81 -1.42
C GLU A 286 -17.37 -13.43 -0.92
N ARG A 287 -18.20 -12.79 -0.11
CA ARG A 287 -17.84 -11.51 0.50
C ARG A 287 -16.61 -11.67 1.39
N ALA A 288 -16.61 -12.70 2.24
CA ALA A 288 -15.44 -12.98 3.07
C ALA A 288 -14.21 -13.24 2.22
N LEU A 289 -14.40 -13.84 1.04
CA LEU A 289 -13.28 -14.08 0.13
C LEU A 289 -12.67 -12.76 -0.34
N PHE A 290 -13.52 -11.80 -0.71
CA PHE A 290 -13.00 -10.50 -1.11
C PHE A 290 -12.12 -9.92 0.00
N TYR A 291 -12.68 -9.87 1.22
CA TYR A 291 -11.91 -9.26 2.31
C TYR A 291 -10.63 -10.04 2.62
N ALA A 292 -10.71 -11.38 2.60
CA ALA A 292 -9.54 -12.20 2.88
C ALA A 292 -8.45 -11.98 1.84
N ALA A 293 -8.84 -11.86 0.58
CA ALA A 293 -7.87 -11.58 -0.48
C ALA A 293 -7.16 -10.26 -0.22
N GLU A 294 -7.92 -9.22 0.13
CA GLU A 294 -7.29 -7.93 0.39
C GLU A 294 -6.38 -7.99 1.62
N ILE A 295 -6.79 -8.71 2.66
CA ILE A 295 -5.95 -8.80 3.85
C ILE A 295 -4.66 -9.57 3.53
N LEU A 296 -4.77 -10.59 2.69
CA LEU A 296 -3.58 -11.37 2.31
C LEU A 296 -2.61 -10.52 1.51
N CYS A 297 -3.13 -9.68 0.62
CA CYS A 297 -2.24 -8.77 -0.10
C CYS A 297 -1.58 -7.77 0.85
N GLY A 298 -2.32 -7.27 1.84
CA GLY A 298 -1.70 -6.44 2.85
C GLY A 298 -0.59 -7.15 3.59
N LEU A 299 -0.82 -8.41 3.98
CA LEU A 299 0.19 -9.15 4.72
C LEU A 299 1.42 -9.44 3.86
N GLU A 300 1.20 -9.78 2.58
CA GLU A 300 2.30 -9.95 1.65
C GLU A 300 3.15 -8.68 1.59
N ASP A 301 2.50 -7.52 1.44
CA ASP A 301 3.23 -6.26 1.40
C ASP A 301 4.04 -6.07 2.68
N LEU A 302 3.48 -6.45 3.82
CA LEU A 302 4.26 -6.31 5.06
C LEU A 302 5.43 -7.28 5.11
N HIS A 303 5.25 -8.49 4.56
CA HIS A 303 6.29 -9.50 4.59
C HIS A 303 7.41 -9.23 3.58
N ARG A 304 7.16 -8.39 2.56
CA ARG A 304 8.26 -7.97 1.70
C ARG A 304 9.34 -7.25 2.50
N GLU A 305 8.93 -6.41 3.47
CA GLU A 305 9.86 -5.79 4.40
C GLU A 305 10.07 -6.64 5.64
N ASN A 306 9.91 -7.97 5.50
CA ASN A 306 10.13 -8.94 6.58
C ASN A 306 9.60 -8.45 7.92
N THR A 307 8.45 -7.79 7.90
CA THR A 307 7.80 -7.26 9.09
C THR A 307 6.59 -8.14 9.42
N VAL A 308 6.44 -8.45 10.71
CA VAL A 308 5.36 -9.31 11.19
C VAL A 308 4.37 -8.47 11.97
N TYR A 309 3.07 -8.77 11.77
CA TYR A 309 1.99 -7.90 12.22
C TYR A 309 1.52 -8.25 13.63
N ARG A 310 1.13 -9.50 13.84
CA ARG A 310 0.85 -10.09 15.14
C ARG A 310 -0.41 -9.55 15.80
N ASN A 311 -1.18 -8.68 15.14
CA ASN A 311 -2.35 -8.07 15.75
C ASN A 311 -3.58 -8.27 14.88
N LEU A 312 -3.64 -9.37 14.14
CA LEU A 312 -4.71 -9.60 13.17
C LEU A 312 -5.97 -10.00 13.92
N LYS A 313 -6.89 -9.06 14.06
CA LYS A 313 -8.22 -9.31 14.62
C LYS A 313 -9.20 -8.39 13.90
N PRO A 314 -10.49 -8.72 13.92
CA PRO A 314 -11.41 -8.04 12.99
C PRO A 314 -11.60 -6.57 13.24
N GLU A 315 -11.38 -6.07 14.46
CA GLU A 315 -11.53 -4.64 14.71
C GLU A 315 -10.36 -3.83 14.17
N ASN A 316 -9.26 -4.47 13.79
CA ASN A 316 -8.12 -3.79 13.21
C ASN A 316 -8.13 -3.77 11.69
N ILE A 317 -9.11 -4.40 11.06
CA ILE A 317 -9.33 -4.30 9.62
C ILE A 317 -10.36 -3.20 9.39
N LEU A 318 -9.93 -2.11 8.74
CA LEU A 318 -10.83 -0.99 8.53
C LEU A 318 -11.31 -0.95 7.09
N LEU A 319 -12.47 -0.32 6.89
CA LEU A 319 -13.03 -0.07 5.57
C LEU A 319 -12.85 1.40 5.24
N ASP A 320 -12.71 1.70 3.95
CA ASP A 320 -12.61 3.07 3.48
C ASP A 320 -13.93 3.48 2.83
N ASP A 321 -13.94 4.67 2.22
CA ASP A 321 -15.18 5.19 1.65
C ASP A 321 -15.65 4.33 0.49
N TYR A 322 -14.72 3.71 -0.25
CA TYR A 322 -15.07 2.93 -1.44
C TYR A 322 -15.49 1.51 -1.13
N GLY A 323 -15.28 1.04 0.11
CA GLY A 323 -15.58 -0.33 0.47
C GLY A 323 -14.36 -1.25 0.57
N HIS A 324 -13.17 -0.75 0.27
CA HIS A 324 -11.95 -1.54 0.37
C HIS A 324 -11.42 -1.51 1.81
N ILE A 325 -10.56 -2.46 2.13
CA ILE A 325 -10.07 -2.59 3.50
C ILE A 325 -8.59 -2.21 3.54
N ARG A 326 -8.15 -1.85 4.74
CA ARG A 326 -6.74 -1.71 5.06
C ARG A 326 -6.49 -2.25 6.46
N ILE A 327 -5.30 -2.85 6.64
CA ILE A 327 -4.83 -3.23 7.97
C ILE A 327 -4.40 -1.97 8.74
N SER A 328 -4.77 -1.90 10.01
CA SER A 328 -4.43 -0.77 10.85
C SER A 328 -3.87 -1.26 12.18
N ASP A 329 -3.50 -0.31 13.06
CA ASP A 329 -2.82 -0.59 14.31
C ASP A 329 -1.58 -1.45 14.09
N LEU A 330 -0.50 -0.82 13.64
CA LEU A 330 0.78 -1.50 13.53
C LEU A 330 1.61 -1.37 14.79
N GLY A 331 1.04 -0.80 15.85
CA GLY A 331 1.75 -0.62 17.09
C GLY A 331 2.36 -1.87 17.68
N LEU A 332 1.93 -3.03 17.19
CA LEU A 332 2.47 -4.31 17.64
C LEU A 332 3.39 -4.96 16.60
N ALA A 333 3.66 -4.29 15.49
CA ALA A 333 4.48 -4.89 14.43
C ALA A 333 5.96 -4.78 14.78
N VAL A 334 6.75 -5.63 14.12
CA VAL A 334 8.18 -5.72 14.37
C VAL A 334 8.90 -6.05 13.08
N LYS A 335 9.89 -5.23 12.71
CA LYS A 335 10.75 -5.57 11.57
C LYS A 335 11.66 -6.71 12.00
N ILE A 336 11.48 -7.88 11.40
CA ILE A 336 12.31 -9.04 11.73
C ILE A 336 13.62 -8.93 10.95
N PRO A 337 14.78 -9.05 11.62
CA PRO A 337 16.03 -9.16 10.86
C PRO A 337 16.06 -10.45 10.07
N GLU A 338 16.49 -10.36 8.81
CA GLU A 338 16.52 -11.51 7.94
C GLU A 338 17.40 -12.61 8.54
N GLY A 339 16.94 -13.85 8.43
CA GLY A 339 17.66 -14.97 9.00
C GLY A 339 17.62 -15.09 10.49
N ASP A 340 16.85 -14.24 11.16
CA ASP A 340 16.75 -14.24 12.60
C ASP A 340 15.28 -14.33 13.00
N LEU A 341 15.03 -14.97 14.15
CA LEU A 341 13.69 -15.07 14.71
C LEU A 341 13.59 -14.20 15.96
N ILE A 342 12.35 -13.87 16.32
CA ILE A 342 12.08 -13.03 17.47
C ILE A 342 11.23 -13.82 18.46
N ARG A 343 11.05 -13.24 19.64
CA ARG A 343 10.27 -13.83 20.71
C ARG A 343 9.43 -12.73 21.34
N GLY A 344 8.19 -13.07 21.67
CA GLY A 344 7.29 -12.10 22.25
C GLY A 344 5.87 -12.61 22.37
N ARG A 345 5.41 -12.75 23.61
CA ARG A 345 4.03 -13.19 23.86
C ARG A 345 3.17 -11.92 23.89
N VAL A 346 2.69 -11.52 22.73
CA VAL A 346 1.92 -10.31 22.56
C VAL A 346 0.71 -10.61 21.69
N GLY A 347 -0.31 -9.78 21.83
CA GLY A 347 -1.47 -9.80 20.96
C GLY A 347 -2.73 -9.72 21.78
N THR A 348 -3.83 -10.13 21.15
CA THR A 348 -5.14 -10.14 21.79
C THR A 348 -5.52 -11.57 22.14
N VAL A 349 -6.18 -11.75 23.29
CA VAL A 349 -6.66 -13.06 23.68
C VAL A 349 -7.56 -13.62 22.58
N GLY A 350 -7.29 -14.86 22.19
CA GLY A 350 -8.05 -15.52 21.16
C GLY A 350 -7.52 -15.36 19.75
N TYR A 351 -6.59 -14.44 19.52
CA TYR A 351 -5.98 -14.24 18.20
C TYR A 351 -4.47 -14.40 18.25
N MET A 352 -3.97 -15.16 19.22
CA MET A 352 -2.54 -15.45 19.35
C MET A 352 -2.30 -16.86 18.83
N ALA A 353 -1.38 -16.99 17.88
CA ALA A 353 -1.02 -18.30 17.36
C ALA A 353 -0.38 -19.14 18.48
N PRO A 354 -0.33 -20.46 18.29
CA PRO A 354 0.26 -21.32 19.35
C PRO A 354 1.69 -20.94 19.71
N GLU A 355 2.55 -20.76 18.70
CA GLU A 355 3.95 -20.44 18.96
C GLU A 355 4.08 -19.15 19.77
N VAL A 356 3.10 -18.26 19.67
CA VAL A 356 3.13 -17.01 20.43
C VAL A 356 2.75 -17.26 21.88
N LEU A 357 1.70 -18.05 22.11
CA LEU A 357 1.31 -18.37 23.48
C LEU A 357 2.40 -19.13 24.20
N ASN A 358 3.00 -20.11 23.54
CA ASN A 358 4.12 -20.87 24.11
C ASN A 358 5.37 -20.02 24.28
N ASN A 359 5.39 -18.80 23.74
CA ASN A 359 6.52 -17.89 23.89
C ASN A 359 7.79 -18.52 23.30
N GLN A 360 7.69 -18.87 22.03
CA GLN A 360 8.79 -19.47 21.28
C GLN A 360 9.34 -18.45 20.29
N ARG A 361 10.49 -18.79 19.71
CA ARG A 361 11.03 -18.01 18.60
C ARG A 361 10.19 -18.30 17.35
N TYR A 362 9.57 -17.27 16.80
CA TYR A 362 8.75 -17.43 15.61
C TYR A 362 9.14 -16.40 14.55
N GLY A 363 8.55 -16.55 13.38
CA GLY A 363 8.76 -15.60 12.30
C GLY A 363 7.47 -14.89 11.91
N LEU A 364 7.10 -14.97 10.64
CA LEU A 364 5.87 -14.35 10.15
C LEU A 364 4.65 -15.24 10.35
N SER A 365 4.85 -16.49 10.74
CA SER A 365 3.75 -17.44 10.82
C SER A 365 2.56 -16.96 11.64
N PRO A 366 2.73 -16.25 12.78
CA PRO A 366 1.55 -15.78 13.50
C PRO A 366 0.53 -15.15 12.57
N ASP A 367 0.99 -14.33 11.62
CA ASP A 367 0.05 -13.61 10.77
C ASP A 367 -0.84 -14.55 9.98
N TYR A 368 -0.27 -15.61 9.39
CA TYR A 368 -1.11 -16.55 8.66
C TYR A 368 -2.12 -17.21 9.59
N TRP A 369 -1.69 -17.55 10.82
CA TRP A 369 -2.65 -18.01 11.80
C TRP A 369 -3.78 -17.01 11.91
N GLY A 370 -3.43 -15.73 12.11
CA GLY A 370 -4.45 -14.69 12.18
C GLY A 370 -5.38 -14.75 10.98
N LEU A 371 -4.80 -14.84 9.79
CA LEU A 371 -5.61 -14.88 8.59
C LEU A 371 -6.68 -15.96 8.72
N GLY A 372 -6.28 -17.17 9.13
CA GLY A 372 -7.23 -18.24 9.33
C GLY A 372 -8.34 -17.79 10.25
N CYS A 373 -7.93 -17.36 11.46
CA CYS A 373 -8.91 -16.92 12.44
C CYS A 373 -9.92 -15.93 11.83
N LEU A 374 -9.46 -15.08 10.92
CA LEU A 374 -10.35 -14.08 10.35
C LEU A 374 -11.29 -14.71 9.33
N ILE A 375 -10.76 -15.49 8.40
CA ILE A 375 -11.62 -16.12 7.41
C ILE A 375 -12.73 -16.87 8.11
N TYR A 376 -12.34 -17.79 9.01
CA TYR A 376 -13.30 -18.48 9.85
C TYR A 376 -14.31 -17.49 10.43
N GLU A 377 -13.82 -16.50 11.16
CA GLU A 377 -14.74 -15.60 11.85
C GLU A 377 -15.65 -14.86 10.87
N MET A 378 -15.15 -14.55 9.68
CA MET A 378 -16.00 -13.87 8.70
C MET A 378 -17.11 -14.79 8.24
N ILE A 379 -16.80 -16.07 8.03
CA ILE A 379 -17.76 -16.98 7.44
C ILE A 379 -18.77 -17.45 8.48
N GLU A 380 -18.30 -17.82 9.67
CA GLU A 380 -19.13 -18.47 10.67
C GLU A 380 -19.79 -17.50 11.64
N GLY A 381 -19.34 -16.26 11.70
CA GLY A 381 -19.93 -15.33 12.64
C GLY A 381 -19.52 -15.54 14.08
N GLN A 382 -18.48 -16.34 14.33
CA GLN A 382 -17.89 -16.43 15.66
C GLN A 382 -16.47 -16.93 15.51
N SER A 383 -15.67 -16.66 16.54
CA SER A 383 -14.28 -17.10 16.56
C SER A 383 -14.22 -18.63 16.56
N PRO A 384 -13.15 -19.20 16.00
CA PRO A 384 -13.07 -20.68 15.92
C PRO A 384 -12.83 -21.37 17.26
N PHE A 385 -12.50 -20.65 18.33
CA PHE A 385 -12.21 -21.27 19.61
C PHE A 385 -13.01 -20.69 20.76
N ARG A 386 -13.91 -19.75 20.49
CA ARG A 386 -14.83 -19.22 21.49
C ARG A 386 -16.15 -18.93 20.81
N GLY A 387 -17.23 -19.45 21.37
CA GLY A 387 -18.53 -19.16 20.83
C GLY A 387 -18.95 -17.72 21.08
N ARG A 388 -19.75 -17.19 20.16
CA ARG A 388 -20.33 -15.87 20.36
C ARG A 388 -21.21 -15.86 21.60
N LYS A 389 -22.00 -16.92 21.79
CA LYS A 389 -22.90 -17.05 22.94
C LYS A 389 -22.26 -17.80 24.11
N GLU A 390 -20.94 -17.87 24.14
CA GLU A 390 -20.20 -18.65 25.12
C GLU A 390 -19.45 -17.72 26.07
N LYS A 391 -19.31 -18.16 27.32
CA LYS A 391 -18.62 -17.41 28.36
C LYS A 391 -17.54 -18.29 28.95
N VAL A 392 -16.28 -18.01 28.60
CA VAL A 392 -15.15 -18.83 29.01
C VAL A 392 -14.03 -17.92 29.50
N LYS A 393 -13.09 -18.52 30.23
CA LYS A 393 -11.95 -17.81 30.78
C LYS A 393 -10.76 -17.93 29.82
N ARG A 394 -9.92 -16.88 29.81
CA ARG A 394 -8.77 -16.82 28.93
C ARG A 394 -8.03 -18.15 28.86
N GLU A 395 -7.93 -18.84 29.99
CA GLU A 395 -7.12 -20.05 30.06
C GLU A 395 -7.74 -21.17 29.22
N GLU A 396 -9.07 -21.27 29.21
CA GLU A 396 -9.73 -22.29 28.39
C GLU A 396 -9.63 -21.97 26.91
N VAL A 397 -9.75 -20.68 26.55
CA VAL A 397 -9.57 -20.28 25.15
C VAL A 397 -8.18 -20.68 24.68
N ASP A 398 -7.16 -20.41 25.50
CA ASP A 398 -5.78 -20.74 25.12
C ASP A 398 -5.58 -22.25 25.02
N ARG A 399 -6.12 -23.01 25.97
CA ARG A 399 -6.04 -24.46 25.86
C ARG A 399 -6.66 -24.94 24.55
N ARG A 400 -7.81 -24.38 24.17
CA ARG A 400 -8.43 -24.77 22.91
C ARG A 400 -7.52 -24.45 21.73
N VAL A 401 -6.90 -23.27 21.74
CA VAL A 401 -6.03 -22.90 20.62
C VAL A 401 -4.87 -23.86 20.50
N LEU A 402 -4.39 -24.39 21.63
CA LEU A 402 -3.20 -25.25 21.57
C LEU A 402 -3.51 -26.72 21.37
N GLU A 403 -4.66 -27.21 21.82
CA GLU A 403 -4.96 -28.63 21.76
C GLU A 403 -6.20 -28.98 20.96
N THR A 404 -7.21 -28.11 20.92
CA THR A 404 -8.48 -28.43 20.29
C THR A 404 -8.46 -28.06 18.81
N GLU A 405 -9.02 -28.94 17.99
CA GLU A 405 -9.15 -28.69 16.56
C GLU A 405 -10.54 -28.10 16.27
N GLU A 406 -10.56 -27.01 15.51
CA GLU A 406 -11.80 -26.32 15.24
C GLU A 406 -12.72 -27.15 14.34
N VAL A 407 -14.00 -26.81 14.36
CA VAL A 407 -15.02 -27.52 13.60
C VAL A 407 -15.68 -26.55 12.64
N TYR A 408 -16.13 -27.07 11.50
CA TYR A 408 -16.68 -26.27 10.43
C TYR A 408 -18.12 -26.65 10.17
N SER A 409 -18.86 -25.71 9.61
CA SER A 409 -20.28 -25.88 9.34
C SER A 409 -20.52 -25.97 7.85
N HIS A 410 -21.80 -25.97 7.47
CA HIS A 410 -22.22 -25.93 6.06
C HIS A 410 -22.07 -24.55 5.46
N LYS A 411 -21.73 -23.53 6.26
CA LYS A 411 -21.41 -22.22 5.70
C LYS A 411 -20.10 -22.24 4.93
N PHE A 412 -19.25 -23.23 5.19
CA PHE A 412 -17.96 -23.34 4.52
C PHE A 412 -18.06 -24.30 3.33
N SER A 413 -17.65 -23.84 2.16
CA SER A 413 -17.34 -24.75 1.08
C SER A 413 -16.13 -25.62 1.48
N GLU A 414 -15.95 -26.72 0.77
CA GLU A 414 -14.80 -27.58 1.04
C GLU A 414 -13.48 -26.82 0.90
N GLU A 415 -13.40 -25.92 -0.10
CA GLU A 415 -12.21 -25.11 -0.26
C GLU A 415 -12.00 -24.19 0.95
N ALA A 416 -13.09 -23.62 1.47
CA ALA A 416 -12.97 -22.73 2.61
C ALA A 416 -12.55 -23.50 3.87
N LYS A 417 -13.14 -24.67 4.09
CA LYS A 417 -12.67 -25.56 5.14
C LYS A 417 -11.18 -25.83 5.01
N SER A 418 -10.77 -26.18 3.80
CA SER A 418 -9.36 -26.46 3.52
C SER A 418 -8.46 -25.31 3.96
N ILE A 419 -8.70 -24.12 3.40
CA ILE A 419 -7.78 -23.02 3.67
C ILE A 419 -7.77 -22.67 5.15
N CYS A 420 -8.94 -22.73 5.80
CA CYS A 420 -8.96 -22.41 7.23
C CYS A 420 -8.19 -23.47 8.03
N LYS A 421 -8.33 -24.74 7.67
CA LYS A 421 -7.60 -25.80 8.37
C LYS A 421 -6.10 -25.61 8.21
N MET A 422 -5.65 -25.32 6.98
CA MET A 422 -4.22 -25.21 6.74
C MET A 422 -3.65 -23.96 7.42
N LEU A 423 -4.40 -22.87 7.46
CA LEU A 423 -3.92 -21.68 8.14
C LEU A 423 -3.97 -21.85 9.65
N LEU A 424 -4.86 -22.72 10.15
CA LEU A 424 -5.00 -22.96 11.58
C LEU A 424 -4.21 -24.19 12.02
N THR A 425 -3.20 -24.57 11.25
CA THR A 425 -2.29 -25.64 11.66
C THR A 425 -1.46 -25.20 12.86
N LYS A 426 -1.50 -25.99 13.93
CA LYS A 426 -0.84 -25.58 15.16
C LYS A 426 0.68 -25.55 15.00
N ASP A 427 1.22 -26.36 14.09
CA ASP A 427 2.65 -26.44 13.86
C ASP A 427 3.03 -25.40 12.82
N ALA A 428 3.57 -24.27 13.30
CA ALA A 428 3.96 -23.20 12.40
C ALA A 428 4.80 -23.70 11.23
N LYS A 429 5.48 -24.83 11.39
CA LYS A 429 6.31 -25.37 10.32
C LYS A 429 5.49 -25.97 9.19
N GLN A 430 4.26 -26.41 9.46
CA GLN A 430 3.40 -27.00 8.45
C GLN A 430 2.26 -26.08 8.04
N ARG A 431 2.23 -24.86 8.55
CA ARG A 431 1.13 -23.94 8.28
C ARG A 431 1.27 -23.29 6.90
N LEU A 432 0.15 -23.13 6.23
CA LEU A 432 0.13 -22.53 4.90
C LEU A 432 0.79 -21.16 4.91
N GLY A 433 1.58 -20.90 3.87
CA GLY A 433 2.24 -19.61 3.72
C GLY A 433 3.49 -19.43 4.56
N CYS A 434 3.88 -20.44 5.35
CA CYS A 434 5.06 -20.36 6.19
C CYS A 434 6.24 -21.11 5.61
N GLN A 435 6.21 -21.40 4.32
CA GLN A 435 7.35 -21.96 3.62
C GLN A 435 8.16 -20.82 2.99
N GLU A 436 9.27 -21.17 2.31
CA GLU A 436 10.07 -20.15 1.64
C GLU A 436 9.30 -19.48 0.51
N GLU A 437 8.18 -20.09 0.06
CA GLU A 437 7.38 -19.49 -1.00
C GLU A 437 6.52 -18.35 -0.50
N GLY A 438 6.07 -18.42 0.75
CA GLY A 438 5.38 -17.30 1.35
C GLY A 438 3.92 -17.20 0.91
N ALA A 439 3.43 -15.96 0.87
CA ALA A 439 2.02 -15.73 0.61
C ALA A 439 1.58 -16.24 -0.75
N ALA A 440 2.50 -16.36 -1.70
CA ALA A 440 2.16 -16.96 -2.99
C ALA A 440 1.46 -18.29 -2.78
N GLU A 441 2.00 -19.13 -1.89
CA GLU A 441 1.39 -20.44 -1.63
C GLU A 441 -0.08 -20.30 -1.26
N VAL A 442 -0.44 -19.24 -0.53
CA VAL A 442 -1.82 -19.06 -0.12
C VAL A 442 -2.67 -18.53 -1.28
N LYS A 443 -2.09 -17.67 -2.13
CA LYS A 443 -2.87 -17.13 -3.23
C LYS A 443 -3.26 -18.21 -4.23
N ARG A 444 -2.46 -19.27 -4.33
CA ARG A 444 -2.76 -20.37 -5.25
C ARG A 444 -3.83 -21.31 -4.70
N HIS A 445 -4.19 -21.19 -3.43
CA HIS A 445 -5.06 -22.17 -2.79
C HIS A 445 -6.44 -22.21 -3.46
N PRO A 446 -7.06 -23.39 -3.57
CA PRO A 446 -8.35 -23.47 -4.28
C PRO A 446 -9.42 -22.54 -3.75
N PHE A 447 -9.31 -22.13 -2.48
CA PHE A 447 -10.27 -21.18 -1.92
C PHE A 447 -10.33 -19.89 -2.75
N PHE A 448 -9.19 -19.48 -3.30
CA PHE A 448 -9.09 -18.27 -4.10
C PHE A 448 -9.20 -18.56 -5.58
N ARG A 449 -9.62 -19.76 -5.95
CA ARG A 449 -9.64 -20.17 -7.35
C ARG A 449 -10.36 -19.17 -8.26
N ASN A 450 -11.41 -18.51 -7.77
CA ASN A 450 -12.18 -17.57 -8.57
C ASN A 450 -11.75 -16.13 -8.34
N MET A 451 -10.58 -15.91 -7.75
CA MET A 451 -10.11 -14.57 -7.41
C MET A 451 -8.95 -14.21 -8.32
N ASN A 452 -9.13 -13.17 -9.13
CA ASN A 452 -8.06 -12.62 -9.96
C ASN A 452 -7.32 -11.58 -9.14
N PHE A 453 -6.11 -11.92 -8.69
CA PHE A 453 -5.37 -11.00 -7.83
C PHE A 453 -4.81 -9.81 -8.60
N LYS A 454 -4.50 -9.98 -9.89
CA LYS A 454 -4.05 -8.83 -10.67
C LYS A 454 -5.11 -7.75 -10.70
N ARG A 455 -6.37 -8.13 -10.90
CA ARG A 455 -7.44 -7.13 -10.95
C ARG A 455 -7.74 -6.56 -9.57
N LEU A 456 -7.55 -7.34 -8.51
CA LEU A 456 -7.77 -6.83 -7.16
C LEU A 456 -6.69 -5.84 -6.76
N GLU A 457 -5.44 -6.16 -7.04
CA GLU A 457 -4.36 -5.24 -6.74
C GLU A 457 -4.45 -3.95 -7.55
N ALA A 458 -5.12 -3.99 -8.69
CA ALA A 458 -5.36 -2.80 -9.50
C ALA A 458 -6.63 -2.07 -9.10
N GLY A 459 -7.32 -2.52 -8.06
CA GLY A 459 -8.52 -1.85 -7.61
C GLY A 459 -9.70 -1.97 -8.53
N MET A 460 -9.74 -3.00 -9.36
CA MET A 460 -10.77 -3.13 -10.39
C MET A 460 -11.95 -4.01 -10.00
N LEU A 461 -11.85 -4.79 -8.94
CA LEU A 461 -12.99 -5.59 -8.46
C LEU A 461 -13.83 -4.75 -7.50
N ASP A 462 -15.13 -4.76 -7.72
CA ASP A 462 -16.03 -3.96 -6.88
C ASP A 462 -16.13 -4.58 -5.49
N PRO A 463 -15.96 -3.80 -4.43
CA PRO A 463 -16.13 -4.35 -3.09
C PRO A 463 -17.57 -4.78 -2.88
N PRO A 464 -17.82 -5.72 -1.97
CA PRO A 464 -19.19 -6.23 -1.81
C PRO A 464 -20.08 -5.32 -0.95
N PHE A 465 -19.51 -4.40 -0.20
CA PHE A 465 -20.30 -3.46 0.58
C PHE A 465 -19.66 -2.08 0.44
N VAL A 466 -20.49 -1.10 0.08
CA VAL A 466 -20.04 0.27 -0.10
C VAL A 466 -20.68 1.11 1.00
N PRO A 467 -19.90 1.67 1.93
CA PRO A 467 -20.50 2.51 2.98
C PRO A 467 -21.11 3.77 2.41
N ASP A 468 -22.23 4.19 3.02
CA ASP A 468 -22.85 5.45 2.61
C ASP A 468 -21.98 6.63 3.03
N PRO A 469 -21.85 7.65 2.19
CA PRO A 469 -20.97 8.78 2.56
C PRO A 469 -21.33 9.42 3.89
N ARG A 470 -22.62 9.68 4.13
CA ARG A 470 -23.06 10.37 5.33
C ARG A 470 -23.01 9.48 6.56
N ALA A 471 -22.67 8.21 6.41
CA ALA A 471 -22.80 7.25 7.50
C ALA A 471 -21.75 7.45 8.57
N VAL A 472 -22.05 6.94 9.77
CA VAL A 472 -21.14 6.90 10.89
C VAL A 472 -21.19 5.52 11.51
N TYR A 473 -20.21 4.69 11.19
CA TYR A 473 -20.25 3.25 11.48
C TYR A 473 -19.55 2.95 12.81
N CYS A 474 -20.03 3.61 13.87
CA CYS A 474 -19.49 3.35 15.22
C CYS A 474 -20.55 3.71 16.27
N ASP A 492 14.37 18.00 28.85
CA ASP A 492 15.55 17.15 28.82
C ASP A 492 16.25 17.23 27.47
N HIS A 493 17.36 16.51 27.33
CA HIS A 493 18.11 16.47 26.09
C HIS A 493 18.00 15.15 25.35
N THR A 494 17.89 14.01 26.08
CA THR A 494 17.68 12.73 25.41
C THR A 494 16.38 12.74 24.61
N ASP A 495 15.34 13.35 25.17
CA ASP A 495 14.07 13.47 24.47
C ASP A 495 14.20 14.26 23.18
N ASP A 496 15.07 15.28 23.18
CA ASP A 496 15.29 16.06 21.98
C ASP A 496 15.82 15.18 20.85
N ASP A 497 16.83 14.36 21.15
CA ASP A 497 17.39 13.48 20.13
C ASP A 497 16.36 12.45 19.66
N PHE A 498 15.53 11.94 20.57
CA PHE A 498 14.49 11.01 20.14
C PHE A 498 13.54 11.68 19.14
N TYR A 499 13.13 12.92 19.44
CA TYR A 499 12.22 13.62 18.54
C TYR A 499 12.86 13.79 17.17
N SER A 500 14.16 14.12 17.14
CA SER A 500 14.82 14.35 15.85
C SER A 500 14.63 13.16 14.91
N LYS A 501 14.77 11.94 15.44
CA LYS A 501 14.62 10.76 14.61
C LYS A 501 13.16 10.42 14.33
N PHE A 502 12.23 10.88 15.16
CA PHE A 502 10.82 10.63 14.87
C PHE A 502 10.28 11.62 13.84
N SER A 503 10.36 12.92 14.13
CA SER A 503 9.72 13.95 13.33
C SER A 503 10.50 14.20 12.04
N THR A 504 10.34 13.27 11.11
CA THR A 504 11.06 13.29 9.84
C THR A 504 10.29 13.99 8.73
N GLY A 505 9.09 14.49 9.00
CA GLY A 505 8.37 15.24 8.01
C GLY A 505 7.65 14.35 7.00
N SER A 506 7.29 14.97 5.88
CA SER A 506 6.53 14.29 4.84
C SER A 506 7.22 13.01 4.38
N VAL A 507 6.40 12.02 4.03
CA VAL A 507 6.87 10.78 3.42
C VAL A 507 6.70 10.91 1.91
N SER A 508 7.67 10.39 1.16
CA SER A 508 7.82 10.80 -0.23
C SER A 508 6.66 10.34 -1.09
N ILE A 509 6.49 9.02 -1.21
CA ILE A 509 5.45 8.49 -2.10
C ILE A 509 4.07 8.96 -1.69
N PRO A 510 3.66 8.91 -0.41
CA PRO A 510 2.36 9.47 -0.04
C PRO A 510 2.22 10.95 -0.32
N TRP A 511 3.28 11.75 -0.08
CA TRP A 511 3.18 13.18 -0.37
C TRP A 511 2.88 13.41 -1.85
N GLN A 512 3.65 12.75 -2.73
CA GLN A 512 3.46 12.96 -4.16
C GLN A 512 2.06 12.50 -4.60
N ASN A 513 1.61 11.36 -4.06
CA ASN A 513 0.26 10.91 -4.40
C ASN A 513 -0.80 11.91 -3.93
N GLU A 514 -0.60 12.50 -2.75
CA GLU A 514 -1.49 13.56 -2.30
C GLU A 514 -1.53 14.70 -3.31
N MET A 515 -0.35 15.15 -3.74
CA MET A 515 -0.28 16.23 -4.71
C MET A 515 -1.09 15.90 -5.96
N ILE A 516 -1.03 14.65 -6.40
CA ILE A 516 -1.71 14.28 -7.64
C ILE A 516 -3.22 14.21 -7.42
N GLU A 517 -3.65 13.56 -6.33
CA GLU A 517 -5.09 13.35 -6.13
C GLU A 517 -5.84 14.67 -5.99
N THR A 518 -5.27 15.65 -5.28
CA THR A 518 -5.94 16.93 -5.08
C THR A 518 -5.84 17.83 -6.29
N GLU A 519 -5.18 17.39 -7.37
CA GLU A 519 -5.01 18.16 -8.59
C GLU A 519 -4.11 19.38 -8.38
N CYS A 520 -3.38 19.43 -7.28
CA CYS A 520 -2.32 20.42 -7.12
C CYS A 520 -1.27 20.26 -8.22
N PHE A 521 -0.88 19.02 -8.51
CA PHE A 521 0.10 18.75 -9.55
C PHE A 521 -0.42 19.17 -10.92
N LYS A 522 -1.65 18.78 -11.26
CA LYS A 522 -2.21 19.14 -12.55
C LYS A 522 -2.24 20.65 -12.73
N GLU A 523 -2.48 21.39 -11.64
CA GLU A 523 -2.65 22.83 -11.76
C GLU A 523 -1.31 23.57 -11.83
N LEU A 524 -0.34 23.17 -11.02
CA LEU A 524 0.92 23.91 -10.97
C LEU A 524 1.91 23.47 -12.04
N ASN A 525 1.79 22.24 -12.55
CA ASN A 525 2.77 21.69 -13.47
C ASN A 525 2.60 22.30 -14.86
N VAL A 526 2.88 23.59 -14.95
CA VAL A 526 2.70 24.36 -16.17
C VAL A 526 4.05 24.87 -16.65
N PHE A 527 4.18 25.01 -17.96
CA PHE A 527 5.43 25.44 -18.57
C PHE A 527 5.20 26.68 -19.42
N GLY A 528 6.04 26.89 -20.44
CA GLY A 528 5.90 28.03 -21.31
C GLY A 528 5.09 27.70 -22.54
N PRO A 529 4.45 28.73 -23.12
CA PRO A 529 3.62 28.49 -24.31
C PRO A 529 4.45 27.87 -25.43
N ASN A 530 3.95 26.76 -25.97
CA ASN A 530 4.58 26.09 -27.13
C ASN A 530 5.92 25.46 -26.74
N GLY A 531 5.90 24.69 -25.65
CA GLY A 531 7.07 23.95 -25.23
C GLY A 531 8.31 24.79 -25.06
N THR A 532 8.27 25.73 -24.12
CA THR A 532 9.39 26.61 -23.84
C THR A 532 9.58 26.68 -22.33
N LEU A 533 10.68 27.32 -21.91
CA LEU A 533 11.03 27.34 -20.50
C LEU A 533 10.21 28.39 -19.75
N PRO A 534 9.52 28.01 -18.69
CA PRO A 534 8.82 29.02 -17.88
C PRO A 534 9.79 29.78 -17.01
N PRO A 535 9.36 30.91 -16.43
CA PRO A 535 10.32 31.74 -15.68
C PRO A 535 10.99 31.01 -14.54
N ASP A 536 10.24 30.24 -13.76
CA ASP A 536 10.79 29.58 -12.58
C ASP A 536 11.84 28.52 -12.92
N LEU A 537 12.02 28.19 -14.21
CA LEU A 537 13.00 27.21 -14.64
C LEU A 537 14.11 27.80 -15.47
N ASN A 538 14.10 29.10 -15.74
CA ASN A 538 15.14 29.76 -16.53
C ASN A 538 16.12 30.44 -15.57
N ARG A 539 17.38 30.07 -15.66
CA ARG A 539 18.40 30.62 -14.76
C ARG A 539 18.82 32.04 -15.11
N ASN A 540 18.24 32.64 -16.17
CA ASN A 540 18.74 33.93 -16.62
C ASN A 540 18.15 35.08 -15.80
N HIS A 541 16.84 35.07 -15.58
CA HIS A 541 16.16 36.14 -14.86
C HIS A 541 15.34 35.51 -13.74
N PRO A 542 15.98 35.18 -12.60
CA PRO A 542 15.31 34.64 -11.41
C PRO A 542 13.97 35.34 -11.11
#